data_4C8O
#
_entry.id   4C8O
#
_cell.length_a   64.802
_cell.length_b   99.185
_cell.length_c   203.602
_cell.angle_alpha   90.00
_cell.angle_beta   90.00
_cell.angle_gamma   90.00
#
_symmetry.space_group_name_H-M   'C 2 2 21'
#
loop_
_entity.id
_entity.type
_entity.pdbx_description
1 polymer 'DNA POLYMERASE I, THERMOSTABLE'
2 polymer "5'-D(*GP*CP*CP*AP*CP*GP*GP*CP*GP*CP*LHOP)-3'"
3 polymer "5'-D(*TP*TP*CP*BMNP*GP*CP*GP*CP*CP*GP*TP*GP*GP*CP)-3'"
4 non-polymer 'SULFATE ION'
5 non-polymer 'MAGNESIUM ION'
6 non-polymer 'CHLORIDE ION'
7 non-polymer 2-AMINO-2-HYDROXYMETHYL-PROPANE-1,3-DIOL
8 water water
#
loop_
_entity_poly.entity_id
_entity_poly.type
_entity_poly.pdbx_seq_one_letter_code
_entity_poly.pdbx_strand_id
1 'polypeptide(L)'
;ALEEAPWPPPEGAFVGFVLSRKEPMWADLLALAAARGGRVHRAPEPYKALRDLKEARGLLAKDLSVLALREGLGLPPGDD
PMLLAYLLDPSNTTPEGVARRYGGEWTEEAGERAALSERLFANLWGRLEGEERLLWLYREVERPLSAVLAHMEATGVRLD
VAYLRALSLEVAEEIARLEAEVFRLAGHPFNLNSRDQLERVLFDELGLPAIGKTEKTGKRSTSAAVLEALREAHPIVEKI
LQYRELTKLKSTYIDPLPDLIHPRTGRLHTRFNQTATATGRLSSSDPNLQNIPVRTPLGQRIRRAFIAEEGWLLVALDYS
QIELRVLAHLSGDENLIRVFQEGRDIHTETASWMFGVPREAVDPLMRRAAKTINFGVLYGMSAHRLSQELAIPYEEAQAF
IERYFQSFPKVRAWIEKTLEEGRRRGYVETLFGRRRYVPDLEARVKSVREAAERMAFNMPVQGTAADLMKLAMVKLFPRL
EEMGARMLLQVHDELVLEAPKERAEAVARLAKEVMEGVYPLAVPLEVEVGIGEDWLSAKE
;
A
2 'polydeoxyribonucleotide' (DG)(DC)(DC)(DA)(DC)(DG)(DG)(DC)(DG)(DC)(LHO) B
3 'polydeoxyribonucleotide' (DT)(DT)(DC)(BMN)(DG)(DC)(DG)(DC)(DC)(DG)(DT)(DG)(DG)(DC) C
#
# COMPACT_ATOMS: atom_id res chain seq x y z
N ALA A 1 -36.72 -10.46 -17.02
CA ALA A 1 -37.52 -11.67 -17.23
C ALA A 1 -36.82 -12.90 -16.66
N LEU A 2 -35.53 -12.73 -16.33
CA LEU A 2 -34.74 -13.79 -15.70
C LEU A 2 -34.74 -15.09 -16.49
N GLU A 3 -34.05 -15.07 -17.62
CA GLU A 3 -33.88 -16.28 -18.42
C GLU A 3 -32.84 -17.18 -17.77
N GLU A 4 -33.25 -18.39 -17.42
CA GLU A 4 -32.31 -19.41 -16.96
C GLU A 4 -32.00 -20.37 -18.09
N ALA A 5 -30.72 -20.73 -18.23
CA ALA A 5 -30.31 -21.71 -19.22
C ALA A 5 -29.32 -22.69 -18.58
N PRO A 6 -29.21 -23.89 -19.16
CA PRO A 6 -28.32 -24.89 -18.55
C PRO A 6 -26.84 -24.51 -18.61
N TRP A 7 -26.09 -24.93 -17.60
CA TRP A 7 -24.63 -24.87 -17.66
C TRP A 7 -24.16 -25.78 -18.79
N PRO A 8 -23.09 -25.41 -19.51
CA PRO A 8 -22.19 -24.25 -19.40
C PRO A 8 -22.68 -23.02 -20.15
N PRO A 9 -22.09 -21.86 -19.83
CA PRO A 9 -22.43 -20.62 -20.53
C PRO A 9 -21.73 -20.49 -21.88
N PRO A 10 -22.23 -19.61 -22.75
CA PRO A 10 -21.48 -19.25 -23.95
C PRO A 10 -20.23 -18.47 -23.59
N GLU A 11 -19.26 -18.44 -24.51
CA GLU A 11 -18.04 -17.67 -24.28
C GLU A 11 -18.37 -16.19 -24.11
N GLY A 12 -17.64 -15.54 -23.21
CA GLY A 12 -17.80 -14.11 -22.99
C GLY A 12 -18.70 -13.78 -21.83
N ALA A 13 -19.27 -14.82 -21.21
CA ALA A 13 -20.18 -14.62 -20.09
C ALA A 13 -19.46 -14.01 -18.89
N PHE A 14 -20.18 -13.18 -18.14
CA PHE A 14 -19.69 -12.70 -16.85
C PHE A 14 -19.96 -13.71 -15.77
N VAL A 15 -19.03 -13.84 -14.83
CA VAL A 15 -19.15 -14.84 -13.77
C VAL A 15 -19.61 -14.20 -12.47
N GLY A 16 -20.34 -14.97 -11.67
CA GLY A 16 -20.67 -14.61 -10.31
C GLY A 16 -20.33 -15.79 -9.44
N PHE A 17 -19.89 -15.52 -8.21
CA PHE A 17 -19.46 -16.60 -7.33
C PHE A 17 -19.58 -16.22 -5.88
N VAL A 18 -19.71 -17.24 -5.03
CA VAL A 18 -19.87 -17.08 -3.60
C VAL A 18 -18.80 -17.91 -2.92
N LEU A 19 -18.06 -17.28 -2.02
CA LEU A 19 -17.01 -17.96 -1.27
C LEU A 19 -17.46 -18.13 0.18
N SER A 20 -16.94 -19.18 0.83
CA SER A 20 -17.22 -19.40 2.24
C SER A 20 -16.62 -18.29 3.10
N ARG A 21 -15.53 -17.70 2.61
CA ARG A 21 -14.88 -16.57 3.27
C ARG A 21 -14.20 -15.69 2.24
N LYS A 22 -13.89 -14.46 2.63
CA LYS A 22 -13.47 -13.44 1.66
C LYS A 22 -12.09 -13.72 1.05
N GLU A 23 -11.26 -14.48 1.75
CA GLU A 23 -9.91 -14.78 1.26
C GLU A 23 -9.94 -15.97 0.31
N PRO A 24 -9.73 -15.73 -1.00
CA PRO A 24 -9.91 -16.84 -1.95
C PRO A 24 -8.97 -18.03 -1.73
N MET A 25 -7.75 -17.80 -1.24
CA MET A 25 -6.84 -18.91 -0.98
C MET A 25 -7.34 -19.81 0.15
N TRP A 26 -8.18 -19.29 1.03
CA TRP A 26 -8.64 -20.03 2.19
C TRP A 26 -10.10 -20.48 2.11
N ALA A 27 -10.77 -20.11 1.02
CA ALA A 27 -12.21 -20.31 0.92
C ALA A 27 -12.63 -21.55 0.15
N ASP A 28 -13.83 -22.03 0.47
CA ASP A 28 -14.52 -23.00 -0.37
CA ASP A 28 -14.52 -23.00 -0.37
C ASP A 28 -15.34 -22.23 -1.40
N LEU A 29 -15.34 -22.71 -2.64
CA LEU A 29 -16.21 -22.11 -3.66
C LEU A 29 -17.60 -22.70 -3.51
N LEU A 30 -18.52 -21.93 -2.93
CA LEU A 30 -19.84 -22.46 -2.57
C LEU A 30 -20.82 -22.48 -3.74
N ALA A 31 -20.61 -21.58 -4.71
CA ALA A 31 -21.49 -21.48 -5.86
C ALA A 31 -20.82 -20.71 -6.99
N LEU A 32 -21.17 -21.09 -8.22
CA LEU A 32 -20.64 -20.47 -9.42
C LEU A 32 -21.76 -20.31 -10.42
N ALA A 33 -21.83 -19.16 -11.08
CA ALA A 33 -22.80 -18.92 -12.13
C ALA A 33 -22.23 -17.96 -13.16
N ALA A 34 -22.86 -17.91 -14.32
CA ALA A 34 -22.45 -16.99 -15.36
C ALA A 34 -23.66 -16.37 -16.03
N ALA A 35 -23.48 -15.17 -16.57
CA ALA A 35 -24.58 -14.47 -17.22
C ALA A 35 -24.13 -13.84 -18.53
N ARG A 36 -24.99 -13.93 -19.53
CA ARG A 36 -24.75 -13.26 -20.80
C ARG A 36 -26.08 -12.90 -21.44
N GLY A 37 -26.20 -11.65 -21.86
CA GLY A 37 -27.45 -11.10 -22.33
C GLY A 37 -28.52 -11.25 -21.26
N GLY A 38 -28.10 -11.17 -20.00
CA GLY A 38 -29.04 -11.29 -18.89
C GLY A 38 -29.48 -12.72 -18.59
N ARG A 39 -29.08 -13.66 -19.44
CA ARG A 39 -29.44 -15.07 -19.26
C ARG A 39 -28.47 -15.78 -18.31
N VAL A 40 -28.99 -16.34 -17.21
CA VAL A 40 -28.14 -16.94 -16.18
C VAL A 40 -28.02 -18.46 -16.29
N HIS A 41 -26.78 -18.93 -16.15
CA HIS A 41 -26.45 -20.34 -16.14
C HIS A 41 -25.86 -20.67 -14.77
N ARG A 42 -26.44 -21.60 -14.05
CA ARG A 42 -25.94 -21.94 -12.72
C ARG A 42 -25.23 -23.30 -12.76
N ALA A 43 -24.07 -23.35 -12.11
CA ALA A 43 -23.19 -24.51 -12.20
C ALA A 43 -23.64 -25.58 -11.22
N PRO A 44 -23.91 -26.81 -11.70
CA PRO A 44 -24.22 -27.91 -10.79
C PRO A 44 -23.15 -28.12 -9.72
N GLU A 45 -21.90 -28.38 -10.13
CA GLU A 45 -20.78 -28.52 -9.20
CA GLU A 45 -20.79 -28.54 -9.22
C GLU A 45 -19.75 -27.46 -9.52
N PRO A 46 -19.65 -26.43 -8.65
CA PRO A 46 -18.77 -25.28 -8.93
C PRO A 46 -17.34 -25.58 -9.37
N TYR A 47 -16.64 -26.47 -8.67
CA TYR A 47 -15.22 -26.69 -8.97
C TYR A 47 -15.04 -27.30 -10.35
N LYS A 48 -15.91 -28.23 -10.71
CA LYS A 48 -15.87 -28.85 -12.02
C LYS A 48 -16.18 -27.80 -13.08
N ALA A 49 -17.19 -26.98 -12.81
CA ALA A 49 -17.64 -25.95 -13.73
C ALA A 49 -16.57 -24.88 -14.03
N LEU A 50 -15.58 -24.73 -13.16
CA LEU A 50 -14.54 -23.74 -13.37
C LEU A 50 -13.78 -24.00 -14.67
N ARG A 51 -13.54 -25.27 -15.02
CA ARG A 51 -12.71 -25.56 -16.19
C ARG A 51 -13.47 -25.32 -17.50
N ASP A 52 -14.75 -24.97 -17.41
CA ASP A 52 -15.52 -24.60 -18.60
C ASP A 52 -15.26 -23.15 -19.03
N LEU A 53 -14.93 -22.30 -18.07
CA LEU A 53 -14.67 -20.89 -18.35
C LEU A 53 -13.28 -20.70 -18.93
N LYS A 54 -13.12 -19.70 -19.78
CA LYS A 54 -11.85 -19.40 -20.43
C LYS A 54 -11.20 -18.18 -19.79
N GLU A 55 -12.02 -17.41 -19.09
CA GLU A 55 -11.52 -16.31 -18.28
C GLU A 55 -12.59 -15.95 -17.27
N ALA A 56 -12.17 -15.33 -16.18
CA ALA A 56 -13.10 -14.81 -15.18
C ALA A 56 -13.40 -13.34 -15.48
N ARG A 57 -14.60 -13.08 -15.98
CA ARG A 57 -15.07 -11.71 -16.21
C ARG A 57 -16.15 -11.39 -15.21
N GLY A 58 -15.97 -10.33 -14.44
CA GLY A 58 -17.01 -9.92 -13.51
C GLY A 58 -16.43 -9.29 -12.26
N LEU A 59 -17.31 -9.00 -11.32
CA LEU A 59 -16.92 -8.41 -10.05
C LEU A 59 -15.95 -9.33 -9.32
N LEU A 60 -14.85 -8.76 -8.81
CA LEU A 60 -13.84 -9.50 -8.06
C LEU A 60 -13.28 -10.67 -8.85
N ALA A 61 -13.09 -10.46 -10.15
CA ALA A 61 -12.57 -11.50 -11.03
C ALA A 61 -11.23 -12.04 -10.55
N LYS A 62 -10.37 -11.16 -10.06
CA LYS A 62 -9.06 -11.56 -9.60
C LYS A 62 -9.19 -12.61 -8.50
N ASP A 63 -10.13 -12.41 -7.58
CA ASP A 63 -10.31 -13.32 -6.46
C ASP A 63 -10.72 -14.72 -6.91
N LEU A 64 -11.58 -14.80 -7.92
CA LEU A 64 -11.94 -16.11 -8.43
C LEU A 64 -10.73 -16.75 -9.11
N SER A 65 -9.93 -15.92 -9.77
CA SER A 65 -8.75 -16.41 -10.46
CA SER A 65 -8.75 -16.41 -10.47
C SER A 65 -7.74 -16.98 -9.47
N VAL A 66 -7.66 -16.38 -8.29
CA VAL A 66 -6.74 -16.85 -7.26
C VAL A 66 -7.16 -18.25 -6.82
N LEU A 67 -8.45 -18.41 -6.53
CA LEU A 67 -8.98 -19.70 -6.09
C LEU A 67 -8.78 -20.75 -7.17
N ALA A 68 -8.99 -20.36 -8.43
CA ALA A 68 -8.76 -21.27 -9.55
C ALA A 68 -7.29 -21.72 -9.61
N LEU A 69 -6.38 -20.77 -9.49
CA LEU A 69 -4.95 -21.09 -9.47
C LEU A 69 -4.61 -22.08 -8.35
N ARG A 70 -5.21 -21.89 -7.18
CA ARG A 70 -5.01 -22.79 -6.06
C ARG A 70 -5.36 -24.22 -6.45
N GLU A 71 -6.40 -24.33 -7.27
CA GLU A 71 -6.91 -25.62 -7.72
C GLU A 71 -6.18 -26.11 -8.98
N GLY A 72 -5.20 -25.33 -9.43
CA GLY A 72 -4.38 -25.73 -10.57
C GLY A 72 -5.06 -25.46 -11.90
N LEU A 73 -6.03 -24.57 -11.90
CA LEU A 73 -6.69 -24.14 -13.14
C LEU A 73 -6.11 -22.81 -13.59
N GLY A 74 -5.84 -22.69 -14.88
CA GLY A 74 -5.45 -21.42 -15.47
C GLY A 74 -6.67 -20.65 -15.90
N LEU A 75 -7.13 -19.75 -15.02
CA LEU A 75 -8.31 -18.94 -15.29
C LEU A 75 -7.97 -17.47 -15.09
N PRO A 76 -7.50 -16.80 -16.16
CA PRO A 76 -7.09 -15.41 -15.98
C PRO A 76 -8.27 -14.47 -15.80
N PRO A 77 -8.12 -13.46 -14.93
CA PRO A 77 -9.17 -12.45 -14.77
C PRO A 77 -9.16 -11.48 -15.94
N GLY A 78 -10.34 -11.00 -16.35
CA GLY A 78 -10.44 -10.05 -17.42
C GLY A 78 -11.25 -8.86 -16.95
N ASP A 79 -12.25 -8.48 -17.73
CA ASP A 79 -13.08 -7.34 -17.38
C ASP A 79 -13.69 -7.50 -15.99
N ASP A 80 -13.64 -6.41 -15.22
CA ASP A 80 -14.19 -6.38 -13.87
C ASP A 80 -14.70 -4.96 -13.64
N PRO A 81 -16.02 -4.79 -13.41
CA PRO A 81 -16.51 -3.43 -13.24
C PRO A 81 -15.96 -2.71 -12.00
N MET A 82 -15.39 -3.44 -11.05
CA MET A 82 -14.73 -2.80 -9.91
C MET A 82 -13.61 -1.90 -10.38
N LEU A 83 -12.88 -2.37 -11.38
CA LEU A 83 -11.76 -1.62 -11.93
C LEU A 83 -12.27 -0.36 -12.63
N LEU A 84 -13.39 -0.47 -13.34
CA LEU A 84 -13.97 0.69 -14.01
C LEU A 84 -14.44 1.69 -12.98
N ALA A 85 -15.11 1.20 -11.94
CA ALA A 85 -15.67 2.08 -10.92
C ALA A 85 -14.56 2.81 -10.18
N TYR A 86 -13.45 2.11 -9.96
CA TYR A 86 -12.32 2.66 -9.21
C TYR A 86 -11.64 3.77 -10.03
N LEU A 87 -11.61 3.61 -11.34
CA LEU A 87 -11.04 4.62 -12.22
C LEU A 87 -11.95 5.85 -12.30
N LEU A 88 -13.26 5.63 -12.26
CA LEU A 88 -14.22 6.72 -12.28
C LEU A 88 -14.16 7.55 -11.00
N ASP A 89 -13.91 6.88 -9.88
CA ASP A 89 -13.82 7.53 -8.59
C ASP A 89 -13.20 6.54 -7.58
N PRO A 90 -11.94 6.80 -7.15
CA PRO A 90 -11.29 5.82 -6.27
C PRO A 90 -11.92 5.67 -4.89
N SER A 91 -12.98 6.42 -4.60
CA SER A 91 -13.73 6.18 -3.37
C SER A 91 -14.61 4.93 -3.56
N ASN A 92 -14.74 4.48 -4.81
CA ASN A 92 -15.40 3.22 -5.11
C ASN A 92 -14.47 2.05 -4.86
N THR A 93 -14.62 1.40 -3.71
CA THR A 93 -13.66 0.39 -3.29
C THR A 93 -14.27 -1.00 -3.12
N THR A 94 -15.59 -1.11 -3.10
CA THR A 94 -16.25 -2.40 -2.88
C THR A 94 -17.49 -2.62 -3.76
N PRO A 95 -17.79 -3.89 -4.10
CA PRO A 95 -18.99 -4.22 -4.88
C PRO A 95 -20.27 -3.66 -4.29
N GLU A 96 -20.45 -3.86 -2.98
CA GLU A 96 -21.61 -3.34 -2.27
C GLU A 96 -21.79 -1.84 -2.55
N GLY A 97 -20.71 -1.08 -2.41
CA GLY A 97 -20.74 0.35 -2.59
C GLY A 97 -20.95 0.75 -4.04
N VAL A 98 -20.32 0.03 -4.95
CA VAL A 98 -20.46 0.32 -6.39
C VAL A 98 -21.91 0.08 -6.83
N ALA A 99 -22.48 -1.03 -6.36
CA ALA A 99 -23.88 -1.35 -6.67
C ALA A 99 -24.82 -0.29 -6.12
N ARG A 100 -24.59 0.11 -4.87
CA ARG A 100 -25.46 1.08 -4.22
C ARG A 100 -25.43 2.43 -4.93
N ARG A 101 -24.27 2.77 -5.47
CA ARG A 101 -24.10 4.06 -6.14
C ARG A 101 -24.67 4.06 -7.56
N TYR A 102 -24.44 2.98 -8.32
CA TYR A 102 -24.67 3.00 -9.76
C TYR A 102 -25.86 2.16 -10.24
N GLY A 103 -26.40 1.29 -9.39
CA GLY A 103 -27.58 0.52 -9.73
C GLY A 103 -27.45 -0.95 -9.45
N GLY A 104 -28.49 -1.53 -8.87
CA GLY A 104 -28.47 -2.94 -8.51
C GLY A 104 -28.12 -3.17 -7.06
N GLU A 105 -27.97 -4.44 -6.71
CA GLU A 105 -27.74 -4.84 -5.32
C GLU A 105 -26.74 -5.99 -5.28
N TRP A 106 -25.73 -5.85 -4.44
CA TRP A 106 -24.77 -6.90 -4.18
C TRP A 106 -25.39 -7.88 -3.18
N THR A 107 -25.71 -9.08 -3.66
CA THR A 107 -26.37 -10.11 -2.85
C THR A 107 -25.42 -11.28 -2.64
N GLU A 108 -25.90 -12.33 -1.97
CA GLU A 108 -25.07 -13.50 -1.67
C GLU A 108 -25.38 -14.69 -2.57
N GLU A 109 -25.97 -14.42 -3.73
CA GLU A 109 -26.33 -15.46 -4.68
C GLU A 109 -25.51 -15.31 -5.96
N ALA A 110 -24.90 -16.41 -6.41
CA ALA A 110 -23.97 -16.37 -7.56
C ALA A 110 -24.61 -15.83 -8.83
N GLY A 111 -25.79 -16.35 -9.18
CA GLY A 111 -26.47 -15.95 -10.40
C GLY A 111 -26.74 -14.46 -10.44
N GLU A 112 -27.20 -13.92 -9.32
CA GLU A 112 -27.48 -12.50 -9.22
C GLU A 112 -26.21 -11.66 -9.35
N ARG A 113 -25.11 -12.14 -8.76
CA ARG A 113 -23.82 -11.47 -8.86
C ARG A 113 -23.32 -11.43 -10.30
N ALA A 114 -23.52 -12.53 -11.04
CA ALA A 114 -23.13 -12.60 -12.45
C ALA A 114 -23.93 -11.60 -13.30
N ALA A 115 -25.24 -11.60 -13.12
CA ALA A 115 -26.11 -10.68 -13.85
C ALA A 115 -25.76 -9.22 -13.52
N LEU A 116 -25.54 -8.95 -12.25
CA LEU A 116 -25.11 -7.61 -11.80
C LEU A 116 -23.78 -7.19 -12.43
N SER A 117 -22.81 -8.09 -12.42
CA SER A 117 -21.51 -7.81 -13.03
C SER A 117 -21.68 -7.35 -14.48
N GLU A 118 -22.48 -8.08 -15.25
CA GLU A 118 -22.73 -7.74 -16.64
C GLU A 118 -23.38 -6.36 -16.77
N ARG A 119 -24.41 -6.12 -15.98
CA ARG A 119 -25.11 -4.84 -15.98
C ARG A 119 -24.17 -3.69 -15.65
N LEU A 120 -23.47 -3.80 -14.52
CA LEU A 120 -22.57 -2.74 -14.07
C LEU A 120 -21.48 -2.46 -15.09
N PHE A 121 -20.92 -3.50 -15.69
CA PHE A 121 -19.86 -3.27 -16.67
C PHE A 121 -20.35 -2.39 -17.82
N ALA A 122 -21.53 -2.72 -18.35
CA ALA A 122 -22.10 -1.94 -19.45
C ALA A 122 -22.33 -0.50 -18.99
N ASN A 123 -22.90 -0.35 -17.80
CA ASN A 123 -23.19 0.96 -17.22
C ASN A 123 -21.93 1.82 -17.10
N LEU A 124 -20.92 1.25 -16.45
CA LEU A 124 -19.72 2.01 -16.10
C LEU A 124 -18.88 2.29 -17.33
N TRP A 125 -18.85 1.35 -18.27
CA TRP A 125 -18.19 1.56 -19.55
C TRP A 125 -18.77 2.77 -20.30
N GLY A 126 -20.09 2.91 -20.30
CA GLY A 126 -20.74 4.04 -20.95
C GLY A 126 -20.36 5.34 -20.26
N ARG A 127 -20.25 5.27 -18.93
CA ARG A 127 -19.90 6.42 -18.11
C ARG A 127 -18.47 6.88 -18.38
N LEU A 128 -17.62 5.97 -18.83
CA LEU A 128 -16.23 6.30 -19.12
C LEU A 128 -15.97 6.81 -20.55
N GLU A 129 -17.00 6.84 -21.40
CA GLU A 129 -16.82 7.26 -22.79
C GLU A 129 -16.18 8.64 -22.89
N GLY A 130 -15.13 8.74 -23.70
CA GLY A 130 -14.44 10.00 -23.92
C GLY A 130 -13.36 10.28 -22.89
N GLU A 131 -13.30 9.47 -21.83
CA GLU A 131 -12.25 9.58 -20.81
C GLU A 131 -11.04 8.74 -21.25
N GLU A 132 -10.34 9.26 -22.26
CA GLU A 132 -9.32 8.45 -22.91
CA GLU A 132 -9.25 8.58 -22.95
C GLU A 132 -8.15 8.10 -21.99
N ARG A 133 -7.79 8.97 -21.06
CA ARG A 133 -6.70 8.65 -20.14
C ARG A 133 -7.11 7.53 -19.18
N LEU A 134 -8.32 7.62 -18.62
CA LEU A 134 -8.79 6.59 -17.69
C LEU A 134 -8.96 5.26 -18.40
N LEU A 135 -9.41 5.29 -19.66
CA LEU A 135 -9.54 4.07 -20.45
C LEU A 135 -8.18 3.46 -20.77
N TRP A 136 -7.18 4.31 -20.97
CA TRP A 136 -5.84 3.83 -21.21
C TRP A 136 -5.32 3.10 -19.95
N LEU A 137 -5.60 3.66 -18.79
CA LEU A 137 -5.19 3.03 -17.52
C LEU A 137 -5.88 1.69 -17.36
N TYR A 138 -7.11 1.59 -17.81
CA TYR A 138 -7.86 0.35 -17.70
C TYR A 138 -7.21 -0.73 -18.55
N ARG A 139 -6.97 -0.42 -19.83
CA ARG A 139 -6.42 -1.38 -20.79
C ARG A 139 -4.95 -1.73 -20.54
N GLU A 140 -4.14 -0.74 -20.16
CA GLU A 140 -2.69 -0.90 -20.09
C GLU A 140 -2.18 -1.16 -18.68
N VAL A 141 -2.96 -0.81 -17.67
CA VAL A 141 -2.57 -1.02 -16.29
C VAL A 141 -3.53 -1.97 -15.55
N GLU A 142 -4.75 -1.51 -15.26
CA GLU A 142 -5.63 -2.21 -14.33
C GLU A 142 -6.00 -3.64 -14.73
N ARG A 143 -6.51 -3.82 -15.95
CA ARG A 143 -6.96 -5.14 -16.36
C ARG A 143 -5.78 -6.11 -16.40
N PRO A 144 -4.69 -5.76 -17.09
CA PRO A 144 -3.58 -6.71 -17.07
C PRO A 144 -2.93 -6.88 -15.69
N LEU A 145 -2.91 -5.84 -14.86
CA LEU A 145 -2.35 -5.98 -13.51
C LEU A 145 -3.13 -7.00 -12.67
N SER A 146 -4.44 -7.09 -12.88
CA SER A 146 -5.24 -7.98 -12.05
C SER A 146 -4.73 -9.41 -12.19
N ALA A 147 -4.21 -9.76 -13.36
CA ALA A 147 -3.73 -11.11 -13.60
C ALA A 147 -2.42 -11.35 -12.88
N VAL A 148 -1.57 -10.33 -12.86
CA VAL A 148 -0.32 -10.37 -12.11
C VAL A 148 -0.59 -10.57 -10.62
N LEU A 149 -1.54 -9.81 -10.09
CA LEU A 149 -1.89 -9.86 -8.67
C LEU A 149 -2.46 -11.22 -8.30
N ALA A 150 -3.26 -11.80 -9.18
CA ALA A 150 -3.80 -13.14 -8.96
C ALA A 150 -2.67 -14.13 -8.79
N HIS A 151 -1.66 -14.03 -9.65
CA HIS A 151 -0.52 -14.94 -9.60
C HIS A 151 0.33 -14.73 -8.35
N MET A 152 0.51 -13.47 -7.95
CA MET A 152 1.29 -13.15 -6.75
C MET A 152 0.60 -13.70 -5.51
N GLU A 153 -0.70 -13.46 -5.42
CA GLU A 153 -1.49 -13.91 -4.29
C GLU A 153 -1.53 -15.44 -4.19
N ALA A 154 -1.67 -16.11 -5.33
CA ALA A 154 -1.75 -17.57 -5.36
C ALA A 154 -0.39 -18.22 -5.11
N THR A 155 0.67 -17.51 -5.44
CA THR A 155 2.02 -18.08 -5.26
C THR A 155 2.46 -18.02 -3.80
N GLY A 156 2.24 -16.88 -3.17
CA GLY A 156 2.62 -16.68 -1.78
C GLY A 156 4.12 -16.67 -1.57
N VAL A 157 4.53 -16.59 -0.31
CA VAL A 157 5.94 -16.51 0.05
C VAL A 157 6.23 -17.47 1.20
N ARG A 158 7.42 -18.04 1.18
CA ARG A 158 7.86 -18.93 2.25
C ARG A 158 8.30 -18.12 3.47
N LEU A 159 7.92 -18.60 4.65
CA LEU A 159 8.34 -17.98 5.90
C LEU A 159 9.33 -18.87 6.62
N ASP A 160 10.24 -18.23 7.36
CA ASP A 160 11.22 -18.94 8.17
C ASP A 160 10.59 -19.20 9.54
N VAL A 161 9.94 -20.36 9.68
CA VAL A 161 9.21 -20.64 10.91
C VAL A 161 10.12 -20.79 12.13
N ALA A 162 11.29 -21.39 11.95
CA ALA A 162 12.25 -21.49 13.06
C ALA A 162 12.68 -20.11 13.54
N TYR A 163 13.00 -19.24 12.59
CA TYR A 163 13.38 -17.87 12.91
C TYR A 163 12.27 -17.15 13.66
N LEU A 164 11.03 -17.32 13.19
CA LEU A 164 9.89 -16.67 13.81
C LEU A 164 9.66 -17.15 15.26
N ARG A 165 9.92 -18.43 15.51
CA ARG A 165 9.86 -18.97 16.88
C ARG A 165 10.86 -18.26 17.78
N ALA A 166 12.08 -18.11 17.27
CA ALA A 166 13.16 -17.47 17.99
C ALA A 166 12.89 -15.98 18.22
N LEU A 167 12.42 -15.29 17.18
CA LEU A 167 12.09 -13.87 17.30
C LEU A 167 10.96 -13.67 18.31
N SER A 168 9.95 -14.52 18.24
CA SER A 168 8.83 -14.46 19.18
C SER A 168 9.31 -14.56 20.61
N LEU A 169 10.24 -15.47 20.85
CA LEU A 169 10.73 -15.73 22.19
C LEU A 169 11.51 -14.53 22.70
N GLU A 170 12.36 -13.99 21.84
CA GLU A 170 13.16 -12.82 22.17
C GLU A 170 12.29 -11.62 22.54
N VAL A 171 11.25 -11.37 21.76
CA VAL A 171 10.40 -10.20 21.99
C VAL A 171 9.53 -10.43 23.23
N ALA A 172 9.06 -11.66 23.41
CA ALA A 172 8.25 -12.00 24.57
C ALA A 172 9.03 -11.74 25.86
N GLU A 173 10.28 -12.15 25.86
CA GLU A 173 11.14 -11.96 27.03
C GLU A 173 11.34 -10.48 27.35
N GLU A 174 11.47 -9.65 26.32
CA GLU A 174 11.65 -8.21 26.53
C GLU A 174 10.35 -7.54 26.99
N ILE A 175 9.22 -8.00 26.44
CA ILE A 175 7.92 -7.51 26.87
C ILE A 175 7.68 -7.81 28.36
N ALA A 176 8.01 -9.04 28.76
CA ALA A 176 7.83 -9.45 30.16
C ALA A 176 8.70 -8.61 31.08
N ARG A 177 9.92 -8.33 30.62
CA ARG A 177 10.86 -7.49 31.34
C ARG A 177 10.26 -6.11 31.55
N LEU A 178 9.73 -5.54 30.47
CA LEU A 178 9.16 -4.19 30.53
C LEU A 178 7.92 -4.10 31.41
N GLU A 179 7.02 -5.08 31.35
CA GLU A 179 5.78 -4.94 32.11
C GLU A 179 6.06 -5.20 33.59
N ALA A 180 7.06 -6.03 33.88
CA ALA A 180 7.52 -6.22 35.26
C ALA A 180 7.95 -4.89 35.86
N GLU A 181 8.68 -4.09 35.08
CA GLU A 181 9.19 -2.81 35.56
C GLU A 181 8.08 -1.77 35.66
N VAL A 182 7.13 -1.81 34.73
CA VAL A 182 5.96 -0.93 34.81
C VAL A 182 5.18 -1.20 36.10
N PHE A 183 4.89 -2.48 36.35
CA PHE A 183 4.12 -2.86 37.53
C PHE A 183 4.87 -2.48 38.79
N ARG A 184 6.20 -2.53 38.72
CA ARG A 184 7.03 -2.12 39.86
C ARG A 184 6.83 -0.62 40.11
N LEU A 185 7.00 0.17 39.05
CA LEU A 185 6.82 1.61 39.14
C LEU A 185 5.39 1.98 39.53
N ALA A 186 4.43 1.19 39.07
CA ALA A 186 3.02 1.45 39.33
C ALA A 186 2.58 0.98 40.72
N GLY A 187 3.23 -0.07 41.22
CA GLY A 187 2.96 -0.57 42.56
C GLY A 187 1.95 -1.71 42.59
N HIS A 188 1.44 -2.07 41.41
CA HIS A 188 0.55 -3.22 41.30
C HIS A 188 0.46 -3.64 39.84
N PRO A 189 -0.08 -4.83 39.58
CA PRO A 189 -0.36 -5.21 38.19
C PRO A 189 -1.64 -4.58 37.66
N PHE A 190 -1.73 -4.48 36.34
CA PHE A 190 -2.95 -4.06 35.66
C PHE A 190 -2.81 -4.48 34.20
N ASN A 191 -3.89 -4.45 33.44
CA ASN A 191 -3.80 -4.76 32.03
C ASN A 191 -3.16 -3.61 31.28
N LEU A 192 -1.91 -3.79 30.88
CA LEU A 192 -1.17 -2.78 30.12
C LEU A 192 -1.82 -2.46 28.78
N ASN A 193 -2.51 -3.43 28.21
CA ASN A 193 -3.13 -3.26 26.89
C ASN A 193 -4.41 -2.46 26.97
N SER A 194 -4.88 -2.20 28.19
CA SER A 194 -6.09 -1.42 28.41
C SER A 194 -5.77 0.04 28.60
N ARG A 195 -6.17 0.89 27.65
CA ARG A 195 -5.91 2.31 27.79
C ARG A 195 -6.72 2.90 28.95
N ASP A 196 -7.86 2.29 29.27
CA ASP A 196 -8.67 2.75 30.40
C ASP A 196 -7.96 2.54 31.74
N GLN A 197 -7.36 1.36 31.92
CA GLN A 197 -6.66 1.07 33.17
C GLN A 197 -5.38 1.86 33.24
N LEU A 198 -4.71 2.04 32.09
CA LEU A 198 -3.49 2.83 32.03
C LEU A 198 -3.76 4.30 32.38
N GLU A 199 -4.86 4.85 31.86
CA GLU A 199 -5.24 6.23 32.16
C GLU A 199 -5.36 6.45 33.66
N ARG A 200 -5.97 5.49 34.34
CA ARG A 200 -6.18 5.59 35.79
C ARG A 200 -4.84 5.55 36.52
N VAL A 201 -3.94 4.69 36.07
CA VAL A 201 -2.62 4.57 36.70
C VAL A 201 -1.81 5.85 36.50
N LEU A 202 -1.69 6.31 35.26
CA LEU A 202 -0.85 7.48 34.95
C LEU A 202 -1.37 8.77 35.59
N PHE A 203 -2.66 9.04 35.43
CA PHE A 203 -3.22 10.34 35.75
C PHE A 203 -3.92 10.43 37.12
N ASP A 204 -4.49 9.32 37.60
CA ASP A 204 -5.14 9.33 38.92
C ASP A 204 -4.17 8.89 40.01
N GLU A 205 -3.61 7.69 39.88
CA GLU A 205 -2.75 7.14 40.92
C GLU A 205 -1.38 7.83 40.94
N LEU A 206 -0.76 8.00 39.78
CA LEU A 206 0.58 8.60 39.72
C LEU A 206 0.54 10.13 39.60
N GLY A 207 -0.61 10.68 39.21
CA GLY A 207 -0.83 12.12 39.26
C GLY A 207 -0.17 12.93 38.17
N LEU A 208 0.23 12.27 37.09
CA LEU A 208 0.91 12.96 36.00
C LEU A 208 -0.04 13.90 35.27
N PRO A 209 0.50 14.99 34.69
CA PRO A 209 -0.39 15.93 34.00
C PRO A 209 -0.98 15.33 32.73
N ALA A 210 -2.29 15.53 32.54
CA ALA A 210 -2.94 15.14 31.31
C ALA A 210 -2.71 16.25 30.29
N ILE A 211 -2.88 15.92 29.01
CA ILE A 211 -2.85 16.94 27.97
C ILE A 211 -4.09 16.76 27.10
N GLY A 212 -3.99 15.94 26.07
CA GLY A 212 -5.03 15.84 25.06
C GLY A 212 -6.19 14.95 25.43
N LYS A 213 -7.35 15.28 24.88
CA LYS A 213 -8.52 14.43 24.98
C LYS A 213 -8.43 13.32 23.95
N THR A 214 -9.13 12.23 24.21
CA THR A 214 -9.38 11.23 23.20
C THR A 214 -10.36 11.83 22.19
N GLU A 215 -10.28 11.37 20.94
CA GLU A 215 -11.13 11.86 19.85
C GLU A 215 -12.61 12.01 20.19
N LYS A 216 -13.18 11.00 20.86
CA LYS A 216 -14.63 10.91 21.00
C LYS A 216 -15.14 10.72 22.43
N THR A 217 -14.38 9.99 23.26
CA THR A 217 -14.84 9.68 24.61
C THR A 217 -14.54 10.83 25.58
N GLY A 218 -13.59 11.67 25.23
CA GLY A 218 -13.29 12.86 26.03
C GLY A 218 -12.44 12.57 27.23
N LYS A 219 -11.89 11.36 27.28
CA LYS A 219 -11.04 10.96 28.39
C LYS A 219 -9.63 11.50 28.21
N ARG A 220 -8.86 11.46 29.29
CA ARG A 220 -7.45 11.79 29.23
C ARG A 220 -6.72 10.81 28.32
N SER A 221 -6.18 11.33 27.22
CA SER A 221 -5.48 10.49 26.25
C SER A 221 -4.19 9.94 26.83
N THR A 222 -3.85 8.71 26.43
CA THR A 222 -2.58 8.10 26.79
C THR A 222 -1.75 7.84 25.54
N SER A 223 -2.03 8.60 24.48
CA SER A 223 -1.38 8.37 23.19
C SER A 223 0.09 8.79 23.24
N ALA A 224 0.85 8.32 22.25
CA ALA A 224 2.27 8.61 22.16
C ALA A 224 2.58 10.11 22.22
N ALA A 225 1.71 10.92 21.60
CA ALA A 225 1.92 12.37 21.59
C ALA A 225 1.84 12.95 22.99
N VAL A 226 1.03 12.33 23.84
CA VAL A 226 0.88 12.77 25.23
C VAL A 226 2.05 12.28 26.07
N LEU A 227 2.41 11.01 25.89
CA LEU A 227 3.50 10.41 26.64
C LEU A 227 4.84 11.06 26.31
N GLU A 228 5.04 11.34 25.02
CA GLU A 228 6.27 11.97 24.53
C GLU A 228 6.62 13.19 25.38
N ALA A 229 5.61 14.02 25.63
CA ALA A 229 5.78 15.22 26.43
C ALA A 229 6.17 14.91 27.87
N LEU A 230 5.89 13.69 28.31
CA LEU A 230 6.06 13.31 29.71
C LEU A 230 7.22 12.35 29.96
N ARG A 231 7.97 12.05 28.90
CA ARG A 231 9.09 11.10 28.99
C ARG A 231 10.00 11.36 30.20
N GLU A 232 10.11 12.64 30.58
CA GLU A 232 10.92 13.01 31.75
C GLU A 232 10.09 13.14 33.01
N ALA A 233 8.77 13.25 32.87
CA ALA A 233 7.88 13.46 34.01
C ALA A 233 7.88 12.26 34.95
N HIS A 234 8.14 11.08 34.42
CA HIS A 234 8.14 9.85 35.20
C HIS A 234 8.73 8.70 34.36
N PRO A 235 9.63 7.89 34.96
CA PRO A 235 10.29 6.82 34.20
C PRO A 235 9.37 5.72 33.66
N ILE A 236 8.16 5.62 34.19
CA ILE A 236 7.21 4.61 33.73
C ILE A 236 6.78 4.90 32.30
N VAL A 237 6.84 6.17 31.91
CA VAL A 237 6.34 6.59 30.62
C VAL A 237 7.18 5.96 29.51
N GLU A 238 8.50 6.07 29.64
CA GLU A 238 9.42 5.49 28.67
C GLU A 238 9.19 3.97 28.54
N LYS A 239 8.96 3.32 29.67
CA LYS A 239 8.74 1.86 29.68
C LYS A 239 7.46 1.47 28.94
N ILE A 240 6.40 2.23 29.14
CA ILE A 240 5.13 1.98 28.47
C ILE A 240 5.30 2.12 26.96
N LEU A 241 6.09 3.10 26.55
CA LEU A 241 6.25 3.36 25.12
C LEU A 241 6.96 2.20 24.45
N GLN A 242 8.00 1.68 25.10
CA GLN A 242 8.70 0.50 24.63
C GLN A 242 7.78 -0.71 24.60
N TYR A 243 6.99 -0.87 25.64
CA TYR A 243 6.05 -1.99 25.73
C TYR A 243 5.09 -1.97 24.54
N ARG A 244 4.50 -0.81 24.28
CA ARG A 244 3.53 -0.68 23.18
C ARG A 244 4.13 -0.97 21.82
N GLU A 245 5.36 -0.51 21.61
CA GLU A 245 6.08 -0.74 20.38
C GLU A 245 6.23 -2.22 20.09
N LEU A 246 6.76 -2.95 21.07
CA LEU A 246 6.99 -4.38 20.93
C LEU A 246 5.71 -5.19 20.83
N THR A 247 4.68 -4.79 21.57
CA THR A 247 3.45 -5.57 21.57
CA THR A 247 3.43 -5.53 21.60
C THR A 247 2.68 -5.38 20.29
N LYS A 248 2.79 -4.20 19.68
CA LYS A 248 2.15 -3.96 18.39
C LYS A 248 2.81 -4.84 17.36
N LEU A 249 4.14 -4.88 17.40
CA LEU A 249 4.91 -5.67 16.46
C LEU A 249 4.65 -7.17 16.62
N LYS A 250 4.61 -7.63 17.88
CA LYS A 250 4.37 -9.05 18.11
C LYS A 250 2.94 -9.44 17.74
N SER A 251 1.97 -8.63 18.15
CA SER A 251 0.57 -8.98 17.92
C SER A 251 0.15 -8.84 16.45
N THR A 252 0.94 -8.09 15.67
CA THR A 252 0.57 -7.80 14.28
C THR A 252 1.42 -8.56 13.28
N TYR A 253 2.73 -8.63 13.53
CA TYR A 253 3.69 -9.15 12.56
C TYR A 253 4.54 -10.33 13.02
N ILE A 254 4.30 -10.84 14.23
CA ILE A 254 4.98 -12.04 14.68
C ILE A 254 3.98 -13.15 14.98
N ASP A 255 2.98 -12.87 15.81
CA ASP A 255 2.03 -13.92 16.20
C ASP A 255 1.14 -14.35 15.04
N PRO A 256 0.63 -13.41 14.24
CA PRO A 256 -0.28 -13.85 13.17
C PRO A 256 0.35 -14.64 12.02
N LEU A 257 1.63 -14.45 11.75
CA LEU A 257 2.20 -14.90 10.48
C LEU A 257 2.26 -16.43 10.32
N PRO A 258 2.67 -17.17 11.37
CA PRO A 258 2.66 -18.61 11.16
C PRO A 258 1.25 -19.17 10.93
N ASP A 259 0.25 -18.55 11.57
CA ASP A 259 -1.13 -19.00 11.45
C ASP A 259 -1.65 -18.74 10.04
N LEU A 260 -0.93 -17.91 9.29
CA LEU A 260 -1.32 -17.56 7.93
C LEU A 260 -0.66 -18.47 6.90
N ILE A 261 0.13 -19.43 7.36
CA ILE A 261 0.78 -20.36 6.44
C ILE A 261 -0.25 -21.39 6.02
N HIS A 262 -0.45 -21.48 4.70
CA HIS A 262 -1.50 -22.32 4.16
C HIS A 262 -1.14 -23.80 4.25
N PRO A 263 -2.09 -24.64 4.70
CA PRO A 263 -1.76 -26.05 4.89
C PRO A 263 -1.40 -26.79 3.60
N ARG A 264 -1.94 -26.35 2.48
CA ARG A 264 -1.71 -27.01 1.20
C ARG A 264 -0.39 -26.58 0.55
N THR A 265 -0.09 -25.29 0.61
CA THR A 265 1.06 -24.73 -0.10
C THR A 265 2.30 -24.62 0.76
N GLY A 266 2.10 -24.46 2.06
CA GLY A 266 3.19 -24.22 2.99
C GLY A 266 3.75 -22.80 2.89
N ARG A 267 2.97 -21.91 2.30
CA ARG A 267 3.40 -20.53 2.10
C ARG A 267 2.37 -19.54 2.61
N LEU A 268 2.83 -18.32 2.85
CA LEU A 268 1.97 -17.20 3.23
C LEU A 268 1.42 -16.54 1.99
N HIS A 269 0.11 -16.33 1.94
CA HIS A 269 -0.54 -15.76 0.76
C HIS A 269 -1.13 -14.39 1.05
N THR A 270 -0.23 -13.40 1.07
CA THR A 270 -0.58 -12.00 1.19
C THR A 270 -1.59 -11.66 0.09
N ARG A 271 -2.65 -10.95 0.46
CA ARG A 271 -3.68 -10.60 -0.50
C ARG A 271 -3.40 -9.20 -1.02
N PHE A 272 -3.60 -9.00 -2.32
CA PHE A 272 -3.32 -7.73 -2.96
C PHE A 272 -4.61 -7.19 -3.56
N ASN A 273 -4.86 -5.91 -3.28
CA ASN A 273 -6.08 -5.22 -3.71
C ASN A 273 -5.71 -3.99 -4.53
N GLN A 274 -6.23 -3.88 -5.75
CA GLN A 274 -5.87 -2.75 -6.59
C GLN A 274 -6.95 -1.67 -6.66
N THR A 275 -8.04 -1.83 -5.89
CA THR A 275 -9.07 -0.80 -5.81
C THR A 275 -9.39 -0.47 -4.35
N ALA A 276 -8.35 -0.15 -3.57
CA ALA A 276 -8.52 0.06 -2.13
C ALA A 276 -8.07 1.44 -1.65
N THR A 277 -7.14 2.06 -2.35
CA THR A 277 -6.53 3.32 -1.88
C THR A 277 -7.02 4.55 -2.63
N ALA A 278 -6.88 5.72 -1.99
CA ALA A 278 -7.31 6.98 -2.57
C ALA A 278 -6.41 7.44 -3.71
N THR A 279 -5.20 6.90 -3.76
CA THR A 279 -4.16 7.44 -4.64
C THR A 279 -3.85 6.53 -5.82
N GLY A 280 -4.29 5.29 -5.73
CA GLY A 280 -3.99 4.29 -6.74
C GLY A 280 -2.87 3.35 -6.34
N ARG A 281 -2.29 3.55 -5.16
CA ARG A 281 -1.33 2.58 -4.66
C ARG A 281 -2.04 1.26 -4.37
N LEU A 282 -1.37 0.17 -4.70
CA LEU A 282 -1.80 -1.15 -4.29
C LEU A 282 -1.85 -1.23 -2.77
N SER A 283 -2.72 -2.07 -2.22
CA SER A 283 -2.66 -2.38 -0.81
C SER A 283 -2.48 -3.87 -0.61
N SER A 284 -1.94 -4.24 0.53
CA SER A 284 -1.81 -5.64 0.91
C SER A 284 -2.53 -5.86 2.23
N SER A 285 -2.93 -7.10 2.47
CA SER A 285 -3.55 -7.46 3.74
C SER A 285 -3.20 -8.91 4.11
N ASP A 286 -3.27 -9.19 5.40
CA ASP A 286 -2.98 -10.53 5.92
C ASP A 286 -1.59 -11.00 5.49
N PRO A 287 -0.54 -10.24 5.81
CA PRO A 287 -0.49 -8.97 6.56
C PRO A 287 -0.50 -7.75 5.66
N ASN A 288 -0.76 -6.59 6.26
CA ASN A 288 -0.54 -5.31 5.59
C ASN A 288 0.94 -5.02 5.59
N LEU A 289 1.61 -5.24 4.46
CA LEU A 289 3.04 -5.02 4.37
C LEU A 289 3.39 -3.54 4.53
N GLN A 290 2.45 -2.66 4.21
CA GLN A 290 2.71 -1.21 4.23
C GLN A 290 2.99 -0.68 5.64
N ASN A 291 2.53 -1.38 6.67
CA ASN A 291 2.64 -0.87 8.04
C ASN A 291 3.73 -1.55 8.88
N ILE A 292 4.49 -2.46 8.26
CA ILE A 292 5.70 -2.97 8.90
C ILE A 292 6.61 -1.77 9.18
N PRO A 293 7.06 -1.60 10.44
CA PRO A 293 7.89 -0.42 10.70
C PRO A 293 9.05 -0.27 9.73
N VAL A 294 9.34 0.96 9.31
CA VAL A 294 10.48 1.21 8.43
C VAL A 294 11.60 1.87 9.22
N ARG A 295 12.82 1.35 9.01
CA ARG A 295 14.02 1.96 9.57
C ARG A 295 14.11 1.87 11.09
N THR A 296 13.47 0.87 11.68
CA THR A 296 13.68 0.53 13.09
C THR A 296 14.24 -0.88 13.15
N PRO A 297 15.07 -1.18 14.17
CA PRO A 297 15.61 -2.53 14.30
C PRO A 297 14.53 -3.59 14.23
N LEU A 298 13.32 -3.22 14.61
CA LEU A 298 12.20 -4.15 14.68
C LEU A 298 11.63 -4.48 13.31
N GLY A 299 11.50 -3.48 12.46
CA GLY A 299 11.00 -3.69 11.12
C GLY A 299 11.88 -4.68 10.38
N GLN A 300 13.18 -4.49 10.53
CA GLN A 300 14.16 -5.36 9.88
C GLN A 300 13.96 -6.82 10.26
N ARG A 301 13.68 -7.06 11.54
CA ARG A 301 13.55 -8.42 12.06
C ARG A 301 12.37 -9.14 11.42
N ILE A 302 11.35 -8.38 11.03
CA ILE A 302 10.17 -8.97 10.39
C ILE A 302 10.50 -9.43 8.97
N ARG A 303 11.22 -8.61 8.22
CA ARG A 303 11.50 -8.91 6.82
C ARG A 303 12.44 -10.12 6.71
N ARG A 304 13.24 -10.35 7.75
CA ARG A 304 14.13 -11.49 7.79
C ARG A 304 13.36 -12.83 7.79
N ALA A 305 12.10 -12.79 8.20
CA ALA A 305 11.28 -13.99 8.27
C ALA A 305 10.76 -14.42 6.89
N PHE A 306 10.83 -13.51 5.92
CA PHE A 306 10.45 -13.81 4.55
C PHE A 306 11.65 -14.36 3.79
N ILE A 307 11.53 -15.59 3.29
CA ILE A 307 12.68 -16.28 2.69
C ILE A 307 12.38 -16.92 1.35
N ALA A 308 13.44 -17.17 0.59
CA ALA A 308 13.37 -17.94 -0.64
C ALA A 308 13.20 -19.44 -0.37
N GLU A 309 12.60 -20.13 -1.34
CA GLU A 309 12.60 -21.59 -1.37
C GLU A 309 14.04 -22.07 -1.45
N GLU A 310 14.32 -23.28 -0.95
CA GLU A 310 15.69 -23.79 -1.00
C GLU A 310 16.14 -23.89 -2.44
N GLY A 311 17.34 -23.39 -2.72
CA GLY A 311 17.86 -23.34 -4.07
C GLY A 311 17.44 -22.10 -4.83
N TRP A 312 16.62 -21.26 -4.20
CA TRP A 312 16.19 -20.00 -4.81
C TRP A 312 16.75 -18.81 -4.06
N LEU A 313 16.53 -17.62 -4.61
CA LEU A 313 16.90 -16.38 -3.94
C LEU A 313 15.82 -15.33 -4.16
N LEU A 314 15.68 -14.44 -3.18
CA LEU A 314 14.83 -13.29 -3.33
C LEU A 314 15.60 -12.17 -4.01
N VAL A 315 14.91 -11.45 -4.87
CA VAL A 315 15.46 -10.28 -5.55
C VAL A 315 14.56 -9.11 -5.21
N ALA A 316 15.11 -8.12 -4.53
CA ALA A 316 14.34 -6.97 -4.06
C ALA A 316 14.75 -5.72 -4.84
N LEU A 317 13.76 -5.06 -5.42
CA LEU A 317 13.99 -3.88 -6.26
C LEU A 317 13.19 -2.71 -5.70
N ASP A 318 13.86 -1.56 -5.58
CA ASP A 318 13.27 -0.40 -4.93
C ASP A 318 13.51 0.87 -5.75
N TYR A 319 12.45 1.58 -6.09
CA TYR A 319 12.57 2.87 -6.79
C TYR A 319 13.06 3.96 -5.86
N SER A 320 14.34 4.33 -5.99
CA SER A 320 14.94 5.36 -5.15
C SER A 320 14.29 6.73 -5.33
N GLN A 321 13.78 7.29 -4.23
CA GLN A 321 13.18 8.61 -4.21
C GLN A 321 12.17 8.84 -5.34
N ILE A 322 11.34 7.86 -5.65
CA ILE A 322 10.49 8.01 -6.82
C ILE A 322 9.50 9.16 -6.68
N GLU A 323 8.97 9.41 -5.48
CA GLU A 323 7.99 10.48 -5.32
C GLU A 323 8.62 11.87 -5.55
N LEU A 324 9.85 12.04 -5.10
CA LEU A 324 10.54 13.32 -5.31
C LEU A 324 10.88 13.51 -6.80
N ARG A 325 11.24 12.42 -7.48
CA ARG A 325 11.52 12.45 -8.90
C ARG A 325 10.27 12.84 -9.68
N VAL A 326 9.14 12.27 -9.27
CA VAL A 326 7.87 12.61 -9.86
C VAL A 326 7.53 14.08 -9.61
N LEU A 327 7.86 14.58 -8.42
CA LEU A 327 7.59 15.98 -8.09
C LEU A 327 8.43 16.89 -8.98
N ALA A 328 9.67 16.49 -9.21
CA ALA A 328 10.55 17.19 -10.14
C ALA A 328 9.93 17.25 -11.53
N HIS A 329 9.34 16.14 -11.95
CA HIS A 329 8.80 16.04 -13.30
C HIS A 329 7.56 16.90 -13.45
N LEU A 330 6.67 16.79 -12.48
CA LEU A 330 5.39 17.49 -12.58
C LEU A 330 5.55 19.00 -12.39
N SER A 331 6.45 19.41 -11.49
CA SER A 331 6.66 20.84 -11.22
C SER A 331 7.51 21.50 -12.28
N GLY A 332 8.40 20.72 -12.89
CA GLY A 332 9.35 21.25 -13.85
C GLY A 332 10.42 22.12 -13.22
N ASP A 333 10.61 22.02 -11.91
CA ASP A 333 11.59 22.89 -11.25
C ASP A 333 13.00 22.58 -11.73
N GLU A 334 13.66 23.57 -12.30
CA GLU A 334 14.95 23.31 -12.92
C GLU A 334 16.01 22.96 -11.89
N ASN A 335 15.89 23.53 -10.69
CA ASN A 335 16.89 23.29 -9.66
C ASN A 335 16.74 21.90 -9.07
N LEU A 336 15.50 21.45 -8.89
CA LEU A 336 15.26 20.11 -8.38
C LEU A 336 15.63 19.08 -9.45
N ILE A 337 15.29 19.35 -10.70
CA ILE A 337 15.72 18.47 -11.78
C ILE A 337 17.24 18.39 -11.75
N ARG A 338 17.92 19.51 -11.48
CA ARG A 338 19.37 19.52 -11.38
C ARG A 338 19.88 18.65 -10.23
N VAL A 339 19.16 18.61 -9.13
CA VAL A 339 19.54 17.77 -7.99
C VAL A 339 19.68 16.32 -8.44
N PHE A 340 18.77 15.88 -9.29
CA PHE A 340 18.76 14.49 -9.76
C PHE A 340 19.72 14.24 -10.91
N GLN A 341 20.06 15.29 -11.66
CA GLN A 341 21.01 15.15 -12.77
C GLN A 341 22.44 15.15 -12.22
N GLU A 342 22.74 16.09 -11.33
CA GLU A 342 24.00 16.07 -10.60
C GLU A 342 23.86 15.01 -9.52
N GLY A 343 23.73 13.77 -9.95
CA GLY A 343 23.22 12.69 -9.13
C GLY A 343 24.21 11.99 -8.22
N ARG A 344 24.61 12.66 -7.15
CA ARG A 344 25.22 11.98 -6.00
C ARG A 344 24.09 11.80 -4.98
N ASP A 345 24.42 11.67 -3.70
CA ASP A 345 23.37 11.53 -2.68
C ASP A 345 22.35 12.65 -2.82
N ILE A 346 21.10 12.28 -2.96
CA ILE A 346 20.05 13.22 -3.32
C ILE A 346 19.76 14.19 -2.20
N HIS A 347 19.78 13.71 -0.96
CA HIS A 347 19.45 14.57 0.17
C HIS A 347 20.59 15.51 0.52
N THR A 348 21.83 15.05 0.32
CA THR A 348 22.99 15.92 0.47
C THR A 348 22.92 17.03 -0.57
N GLU A 349 22.52 16.67 -1.78
CA GLU A 349 22.49 17.61 -2.87
C GLU A 349 21.37 18.61 -2.63
N THR A 350 20.22 18.14 -2.13
CA THR A 350 19.12 19.03 -1.77
C THR A 350 19.58 20.02 -0.68
N ALA A 351 20.21 19.50 0.36
CA ALA A 351 20.77 20.34 1.42
C ALA A 351 21.73 21.42 0.91
N SER A 352 22.57 21.07 -0.06
CA SER A 352 23.56 22.03 -0.57
C SER A 352 22.87 23.22 -1.24
N TRP A 353 21.79 22.95 -1.96
CA TRP A 353 20.97 24.02 -2.53
C TRP A 353 20.30 24.84 -1.44
N MET A 354 19.59 24.17 -0.55
CA MET A 354 18.87 24.81 0.54
C MET A 354 19.75 25.79 1.31
N PHE A 355 20.92 25.32 1.71
CA PHE A 355 21.78 26.06 2.62
C PHE A 355 22.85 26.88 1.88
N GLY A 356 22.90 26.73 0.56
CA GLY A 356 23.79 27.51 -0.27
C GLY A 356 25.25 27.22 0.01
N VAL A 357 25.60 25.94 0.07
CA VAL A 357 26.96 25.52 0.39
C VAL A 357 27.39 24.43 -0.58
N PRO A 358 28.71 24.20 -0.73
CA PRO A 358 29.13 23.07 -1.57
C PRO A 358 28.74 21.74 -0.91
N ARG A 359 28.54 20.69 -1.70
CA ARG A 359 28.07 19.42 -1.16
C ARG A 359 29.01 18.88 -0.10
N GLU A 360 30.31 19.09 -0.29
CA GLU A 360 31.31 18.67 0.69
C GLU A 360 31.07 19.24 2.08
N ALA A 361 30.43 20.41 2.16
CA ALA A 361 30.25 21.13 3.42
C ALA A 361 28.93 20.81 4.12
N VAL A 362 28.08 20.01 3.47
CA VAL A 362 26.83 19.56 4.10
C VAL A 362 27.14 18.55 5.19
N ASP A 363 26.83 18.87 6.45
CA ASP A 363 27.01 17.89 7.53
C ASP A 363 25.77 16.99 7.65
N PRO A 364 25.90 15.88 8.38
CA PRO A 364 24.80 14.91 8.45
C PRO A 364 23.48 15.50 8.98
N LEU A 365 23.55 16.49 9.85
CA LEU A 365 22.31 17.08 10.38
C LEU A 365 21.63 17.94 9.34
N MET A 366 22.43 18.65 8.54
CA MET A 366 21.89 19.42 7.43
C MET A 366 21.22 18.50 6.42
N ARG A 367 21.89 17.39 6.12
CA ARG A 367 21.33 16.41 5.22
C ARG A 367 20.01 15.87 5.76
N ARG A 368 19.93 15.58 7.05
CA ARG A 368 18.69 15.06 7.64
C ARG A 368 17.55 16.08 7.51
N ALA A 369 17.88 17.36 7.66
CA ALA A 369 16.89 18.42 7.48
C ALA A 369 16.33 18.37 6.07
N ALA A 370 17.23 18.28 5.08
CA ALA A 370 16.81 18.23 3.68
C ALA A 370 16.00 16.96 3.40
N LYS A 371 16.45 15.83 3.94
CA LYS A 371 15.74 14.56 3.75
C LYS A 371 14.32 14.66 4.28
N THR A 372 14.19 15.25 5.46
CA THR A 372 12.91 15.32 6.14
C THR A 372 11.95 16.20 5.35
N ILE A 373 12.45 17.30 4.82
CA ILE A 373 11.61 18.18 4.01
C ILE A 373 11.31 17.55 2.65
N ASN A 374 12.26 16.80 2.10
CA ASN A 374 12.02 16.16 0.80
C ASN A 374 10.82 15.22 0.85
N PHE A 375 10.46 14.78 2.06
CA PHE A 375 9.29 13.93 2.22
C PHE A 375 8.12 14.70 2.80
N GLY A 376 8.39 15.70 3.62
CA GLY A 376 7.33 16.47 4.25
C GLY A 376 6.63 17.42 3.29
N VAL A 377 7.36 17.87 2.28
CA VAL A 377 6.82 18.86 1.36
C VAL A 377 5.72 18.23 0.52
N LEU A 378 5.80 16.91 0.34
CA LEU A 378 4.82 16.16 -0.44
C LEU A 378 3.42 16.16 0.19
N TYR A 379 3.32 16.48 1.49
CA TYR A 379 2.02 16.53 2.15
C TYR A 379 1.82 17.74 3.03
N GLY A 380 2.68 18.75 2.89
CA GLY A 380 2.48 20.00 3.60
C GLY A 380 2.83 19.90 5.06
N MET A 381 3.89 19.16 5.35
CA MET A 381 4.38 19.02 6.72
C MET A 381 4.52 20.40 7.34
N SER A 382 3.97 20.56 8.54
CA SER A 382 3.98 21.85 9.21
C SER A 382 5.35 22.16 9.79
N ALA A 383 5.61 23.44 10.03
CA ALA A 383 6.84 23.84 10.72
C ALA A 383 6.86 23.22 12.11
N HIS A 384 5.68 23.11 12.72
CA HIS A 384 5.59 22.53 14.05
C HIS A 384 6.05 21.08 14.02
N ARG A 385 5.57 20.30 13.06
CA ARG A 385 6.00 18.89 12.97
C ARG A 385 7.48 18.79 12.64
N LEU A 386 7.96 19.60 11.70
CA LEU A 386 9.38 19.57 11.34
C LEU A 386 10.20 19.90 12.57
N SER A 387 9.68 20.83 13.38
CA SER A 387 10.34 21.26 14.60
C SER A 387 10.51 20.10 15.59
N GLN A 388 9.51 19.22 15.65
CA GLN A 388 9.58 18.05 16.53
C GLN A 388 10.54 17.02 15.94
N GLU A 389 10.41 16.80 14.64
CA GLU A 389 11.19 15.79 13.93
C GLU A 389 12.70 16.02 14.06
N LEU A 390 13.14 17.26 13.88
CA LEU A 390 14.56 17.60 13.90
C LEU A 390 15.03 18.11 15.26
N ALA A 391 14.09 18.31 16.18
CA ALA A 391 14.40 18.82 17.53
C ALA A 391 15.00 20.21 17.48
N ILE A 392 14.53 21.04 16.54
CA ILE A 392 14.95 22.43 16.45
C ILE A 392 13.82 23.37 16.83
N PRO A 393 14.15 24.63 17.13
CA PRO A 393 13.13 25.64 17.41
C PRO A 393 12.15 25.83 16.26
N TYR A 394 10.96 26.32 16.61
CA TYR A 394 9.86 26.44 15.66
C TYR A 394 10.24 27.41 14.55
N GLU A 395 10.84 28.53 14.94
CA GLU A 395 11.24 29.55 13.99
C GLU A 395 12.28 29.01 13.00
N GLU A 396 13.21 28.19 13.49
CA GLU A 396 14.20 27.58 12.62
C GLU A 396 13.56 26.60 11.63
N ALA A 397 12.55 25.88 12.08
CA ALA A 397 11.84 24.96 11.20
C ALA A 397 11.18 25.72 10.07
N GLN A 398 10.54 26.84 10.42
CA GLN A 398 9.93 27.71 9.43
C GLN A 398 10.94 28.15 8.38
N ALA A 399 12.11 28.56 8.84
CA ALA A 399 13.15 29.08 7.94
C ALA A 399 13.63 27.98 6.98
N PHE A 400 13.72 26.75 7.48
CA PHE A 400 14.14 25.62 6.66
C PHE A 400 13.15 25.35 5.53
N ILE A 401 11.87 25.41 5.86
CA ILE A 401 10.84 25.16 4.87
C ILE A 401 10.89 26.27 3.81
N GLU A 402 11.06 27.50 4.25
CA GLU A 402 11.15 28.62 3.30
C GLU A 402 12.40 28.50 2.42
N ARG A 403 13.54 28.10 3.00
CA ARG A 403 14.75 27.86 2.21
C ARG A 403 14.49 26.88 1.08
N TYR A 404 13.73 25.85 1.41
CA TYR A 404 13.47 24.80 0.45
C TYR A 404 12.70 25.40 -0.73
N PHE A 405 11.64 26.14 -0.44
CA PHE A 405 10.81 26.71 -1.51
C PHE A 405 11.54 27.83 -2.23
N GLN A 406 12.55 28.41 -1.59
CA GLN A 406 13.33 29.46 -2.24
C GLN A 406 14.22 28.86 -3.31
N SER A 407 14.78 27.69 -3.02
CA SER A 407 15.62 26.98 -3.97
C SER A 407 14.80 26.26 -5.03
N PHE A 408 13.57 25.88 -4.67
CA PHE A 408 12.72 25.11 -5.56
C PHE A 408 11.38 25.80 -5.75
N PRO A 409 11.41 27.01 -6.33
CA PRO A 409 10.22 27.86 -6.40
C PRO A 409 9.09 27.25 -7.24
N LYS A 410 9.43 26.47 -8.24
CA LYS A 410 8.41 25.86 -9.09
C LYS A 410 7.70 24.69 -8.38
N VAL A 411 8.30 24.16 -7.31
CA VAL A 411 7.59 23.23 -6.44
C VAL A 411 6.51 23.98 -5.69
N ARG A 412 6.86 25.13 -5.12
CA ARG A 412 5.88 26.02 -4.51
C ARG A 412 4.74 26.34 -5.49
N ALA A 413 5.10 26.69 -6.72
CA ALA A 413 4.12 27.05 -7.74
C ALA A 413 3.22 25.86 -8.07
N TRP A 414 3.82 24.66 -8.14
CA TRP A 414 3.09 23.47 -8.55
C TRP A 414 2.02 23.10 -7.54
N ILE A 415 2.37 23.22 -6.25
CA ILE A 415 1.42 22.95 -5.19
C ILE A 415 0.22 23.87 -5.33
N GLU A 416 0.48 25.14 -5.60
CA GLU A 416 -0.60 26.11 -5.69
C GLU A 416 -1.42 25.89 -6.95
N LYS A 417 -0.75 25.53 -8.05
CA LYS A 417 -1.42 25.27 -9.32
C LYS A 417 -2.36 24.10 -9.16
N THR A 418 -1.90 23.09 -8.44
CA THR A 418 -2.65 21.86 -8.24
C THR A 418 -3.89 22.12 -7.41
N LEU A 419 -3.77 22.96 -6.38
CA LEU A 419 -4.93 23.37 -5.61
C LEU A 419 -5.91 24.18 -6.48
N GLU A 420 -5.40 25.04 -7.35
CA GLU A 420 -6.29 25.78 -8.27
C GLU A 420 -7.07 24.79 -9.15
N GLU A 421 -6.39 23.75 -9.62
CA GLU A 421 -7.02 22.74 -10.47
C GLU A 421 -8.13 22.03 -9.72
N GLY A 422 -7.85 21.65 -8.48
CA GLY A 422 -8.82 20.96 -7.67
C GLY A 422 -10.04 21.80 -7.37
N ARG A 423 -9.81 23.09 -7.13
CA ARG A 423 -10.92 23.99 -6.81
C ARG A 423 -11.77 24.27 -8.04
N ARG A 424 -11.14 24.36 -9.21
CA ARG A 424 -11.87 24.63 -10.45
C ARG A 424 -12.67 23.40 -10.91
N ARG A 425 -12.00 22.25 -10.96
CA ARG A 425 -12.60 21.05 -11.57
C ARG A 425 -13.26 20.11 -10.57
N GLY A 426 -12.87 20.20 -9.31
CA GLY A 426 -13.38 19.31 -8.28
C GLY A 426 -12.56 18.04 -8.11
N TYR A 427 -11.54 17.88 -8.95
CA TYR A 427 -10.68 16.72 -8.88
C TYR A 427 -9.24 17.11 -9.21
N VAL A 428 -8.30 16.24 -8.83
CA VAL A 428 -6.92 16.38 -9.29
C VAL A 428 -6.50 15.08 -9.96
N GLU A 429 -5.40 15.14 -10.71
CA GLU A 429 -4.99 13.99 -11.51
C GLU A 429 -3.49 13.75 -11.50
N THR A 430 -3.13 12.49 -11.70
CA THR A 430 -1.75 12.06 -11.85
C THR A 430 -1.25 12.32 -13.27
N LEU A 431 0.03 12.01 -13.48
CA LEU A 431 0.65 12.14 -14.79
C LEU A 431 -0.16 11.40 -15.86
N PHE A 432 -0.69 10.24 -15.49
CA PHE A 432 -1.41 9.35 -16.40
C PHE A 432 -2.91 9.61 -16.40
N GLY A 433 -3.35 10.61 -15.64
CA GLY A 433 -4.75 10.96 -15.60
C GLY A 433 -5.60 10.19 -14.60
N ARG A 434 -4.98 9.43 -13.70
CA ARG A 434 -5.73 8.83 -12.60
C ARG A 434 -6.25 10.00 -11.77
N ARG A 435 -7.51 9.88 -11.36
CA ARG A 435 -8.27 11.02 -10.87
C ARG A 435 -8.76 10.81 -9.45
N ARG A 436 -8.61 11.85 -8.63
CA ARG A 436 -9.14 11.85 -7.27
C ARG A 436 -10.00 13.09 -7.06
N TYR A 437 -11.20 12.88 -6.55
CA TYR A 437 -12.14 13.97 -6.31
C TYR A 437 -11.89 14.60 -4.95
N VAL A 438 -11.90 15.93 -4.91
CA VAL A 438 -11.47 16.68 -3.72
C VAL A 438 -12.48 17.77 -3.37
N PRO A 439 -13.69 17.37 -2.95
CA PRO A 439 -14.79 18.31 -2.72
C PRO A 439 -14.56 19.30 -1.58
N ASP A 440 -13.79 18.93 -0.56
CA ASP A 440 -13.67 19.75 0.64
C ASP A 440 -12.65 20.90 0.50
N LEU A 441 -12.11 21.09 -0.69
CA LEU A 441 -11.21 22.22 -0.92
C LEU A 441 -11.92 23.55 -0.71
N GLU A 442 -13.24 23.53 -0.87
CA GLU A 442 -14.07 24.69 -0.60
C GLU A 442 -14.99 24.38 0.58
N ALA A 443 -14.37 24.12 1.73
CA ALA A 443 -15.08 23.80 2.95
C ALA A 443 -15.17 25.04 3.84
N ARG A 444 -16.08 24.99 4.81
CA ARG A 444 -16.27 26.10 5.73
C ARG A 444 -15.18 26.13 6.79
N VAL A 445 -15.02 25.00 7.47
CA VAL A 445 -14.02 24.87 8.53
C VAL A 445 -12.62 24.68 7.94
N LYS A 446 -11.66 25.44 8.43
CA LYS A 446 -10.29 25.39 7.90
C LYS A 446 -9.62 24.06 8.19
N SER A 447 -10.03 23.43 9.29
CA SER A 447 -9.47 22.15 9.71
C SER A 447 -9.62 21.09 8.62
N VAL A 448 -10.85 20.96 8.11
CA VAL A 448 -11.14 19.99 7.06
C VAL A 448 -10.59 20.47 5.72
N ARG A 449 -10.56 21.78 5.51
CA ARG A 449 -10.07 22.33 4.25
C ARG A 449 -8.57 22.05 4.08
N GLU A 450 -7.83 22.11 5.18
CA GLU A 450 -6.39 21.86 5.12
C GLU A 450 -6.07 20.38 4.88
N ALA A 451 -6.88 19.49 5.45
CA ALA A 451 -6.73 18.07 5.18
C ALA A 451 -7.03 17.79 3.72
N ALA A 452 -8.03 18.48 3.18
CA ALA A 452 -8.40 18.34 1.79
C ALA A 452 -7.25 18.85 0.91
N GLU A 453 -6.62 19.94 1.33
CA GLU A 453 -5.55 20.54 0.54
C GLU A 453 -4.37 19.58 0.43
N ARG A 454 -4.02 18.94 1.55
CA ARG A 454 -2.94 17.95 1.55
C ARG A 454 -3.25 16.79 0.62
N MET A 455 -4.47 16.28 0.73
CA MET A 455 -4.92 15.18 -0.11
C MET A 455 -4.80 15.60 -1.56
N ALA A 456 -5.23 16.83 -1.84
CA ALA A 456 -5.25 17.36 -3.19
C ALA A 456 -3.87 17.34 -3.87
N PHE A 457 -2.82 17.87 -3.25
CA PHE A 457 -1.55 17.93 -4.00
C PHE A 457 -0.66 16.73 -3.71
N ASN A 458 -0.99 15.95 -2.68
CA ASN A 458 -0.25 14.72 -2.44
C ASN A 458 -0.61 13.59 -3.41
N MET A 459 -1.90 13.49 -3.78
CA MET A 459 -2.35 12.38 -4.62
C MET A 459 -1.68 12.32 -5.99
N PRO A 460 -1.56 13.46 -6.70
CA PRO A 460 -0.90 13.37 -8.01
C PRO A 460 0.50 12.78 -7.95
N VAL A 461 1.22 13.05 -6.88
CA VAL A 461 2.57 12.53 -6.73
C VAL A 461 2.55 11.03 -6.37
N GLN A 462 1.85 10.68 -5.30
CA GLN A 462 1.76 9.27 -4.89
C GLN A 462 1.17 8.41 -6.00
N GLY A 463 0.11 8.91 -6.63
CA GLY A 463 -0.57 8.20 -7.70
C GLY A 463 0.28 7.97 -8.94
N THR A 464 1.13 8.93 -9.28
CA THR A 464 2.03 8.75 -10.41
C THR A 464 3.06 7.67 -10.06
N ALA A 465 3.63 7.74 -8.86
CA ALA A 465 4.56 6.73 -8.39
C ALA A 465 3.91 5.34 -8.43
N ALA A 466 2.67 5.26 -7.96
CA ALA A 466 1.92 4.01 -7.96
C ALA A 466 1.77 3.43 -9.36
N ASP A 467 1.40 4.25 -10.33
CA ASP A 467 1.15 3.72 -11.67
C ASP A 467 2.42 3.43 -12.45
N LEU A 468 3.53 4.09 -12.13
CA LEU A 468 4.81 3.70 -12.71
C LEU A 468 5.15 2.27 -12.28
N MET A 469 4.95 1.96 -11.00
CA MET A 469 5.24 0.62 -10.48
C MET A 469 4.31 -0.41 -11.10
N LYS A 470 3.03 -0.09 -11.16
CA LYS A 470 2.06 -1.03 -11.69
C LYS A 470 2.30 -1.31 -13.16
N LEU A 471 2.63 -0.26 -13.90
CA LEU A 471 2.98 -0.42 -15.29
C LEU A 471 4.24 -1.29 -15.42
N ALA A 472 5.20 -1.10 -14.53
CA ALA A 472 6.40 -1.94 -14.56
C ALA A 472 6.08 -3.42 -14.25
N MET A 473 5.17 -3.65 -13.31
CA MET A 473 4.79 -5.02 -12.97
C MET A 473 4.16 -5.74 -14.15
N VAL A 474 3.32 -5.00 -14.88
CA VAL A 474 2.68 -5.52 -16.08
C VAL A 474 3.70 -5.85 -17.17
N LYS A 475 4.67 -4.97 -17.38
CA LYS A 475 5.71 -5.22 -18.37
C LYS A 475 6.65 -6.35 -17.96
N LEU A 476 6.90 -6.47 -16.65
CA LEU A 476 7.92 -7.40 -16.16
C LEU A 476 7.42 -8.83 -16.09
N PHE A 477 6.14 -9.01 -15.77
CA PHE A 477 5.60 -10.33 -15.45
C PHE A 477 5.90 -11.42 -16.49
N PRO A 478 5.49 -11.21 -17.75
CA PRO A 478 5.64 -12.30 -18.71
C PRO A 478 7.10 -12.66 -18.99
N ARG A 479 8.01 -11.71 -18.79
CA ARG A 479 9.43 -11.98 -19.02
C ARG A 479 10.03 -12.76 -17.87
N LEU A 480 9.45 -12.65 -16.67
CA LEU A 480 9.90 -13.46 -15.55
C LEU A 480 9.53 -14.92 -15.76
N GLU A 481 8.34 -15.15 -16.31
CA GLU A 481 7.88 -16.50 -16.58
C GLU A 481 8.85 -17.23 -17.50
N GLU A 482 9.38 -16.52 -18.49
CA GLU A 482 10.38 -17.05 -19.39
C GLU A 482 11.54 -17.69 -18.62
N MET A 483 11.89 -17.08 -17.50
CA MET A 483 13.08 -17.44 -16.76
C MET A 483 12.81 -18.39 -15.60
N GLY A 484 11.54 -18.73 -15.37
CA GLY A 484 11.17 -19.57 -14.25
C GLY A 484 11.19 -18.80 -12.94
N ALA A 485 11.13 -17.47 -13.06
CA ALA A 485 11.11 -16.59 -11.90
C ALA A 485 9.68 -16.17 -11.64
N ARG A 486 9.44 -15.60 -10.46
CA ARG A 486 8.10 -15.18 -10.11
C ARG A 486 8.11 -13.94 -9.22
N MET A 487 7.00 -13.23 -9.29
CA MET A 487 6.79 -11.99 -8.56
C MET A 487 6.03 -12.34 -7.28
N LEU A 488 6.53 -11.88 -6.13
CA LEU A 488 5.95 -12.28 -4.84
C LEU A 488 5.26 -11.17 -4.08
N LEU A 489 5.94 -10.05 -3.89
CA LEU A 489 5.43 -8.98 -3.04
C LEU A 489 5.62 -7.62 -3.66
N GLN A 490 4.73 -6.71 -3.30
CA GLN A 490 4.86 -5.31 -3.64
C GLN A 490 4.43 -4.49 -2.42
N VAL A 491 5.24 -3.51 -2.08
CA VAL A 491 4.98 -2.65 -0.93
C VAL A 491 5.73 -1.34 -1.18
N HIS A 492 5.12 -0.21 -0.81
CA HIS A 492 5.73 1.10 -1.04
C HIS A 492 6.18 1.19 -2.51
N ASP A 493 7.44 1.49 -2.77
CA ASP A 493 7.94 1.55 -4.15
C ASP A 493 8.90 0.38 -4.41
N GLU A 494 8.63 -0.72 -3.72
CA GLU A 494 9.49 -1.90 -3.75
C GLU A 494 8.76 -3.10 -4.34
N LEU A 495 9.50 -3.96 -5.03
CA LEU A 495 8.99 -5.18 -5.63
C LEU A 495 9.92 -6.32 -5.26
N VAL A 496 9.37 -7.45 -4.82
CA VAL A 496 10.19 -8.59 -4.45
C VAL A 496 9.89 -9.80 -5.36
N LEU A 497 10.96 -10.35 -5.93
CA LEU A 497 10.88 -11.50 -6.82
C LEU A 497 11.54 -12.72 -6.19
N GLU A 498 11.26 -13.89 -6.75
CA GLU A 498 11.91 -15.13 -6.37
C GLU A 498 12.48 -15.77 -7.63
N ALA A 499 13.71 -16.23 -7.56
CA ALA A 499 14.33 -16.87 -8.72
C ALA A 499 15.28 -17.99 -8.31
N PRO A 500 15.47 -18.98 -9.20
CA PRO A 500 16.50 -20.00 -8.97
C PRO A 500 17.86 -19.33 -8.86
N LYS A 501 18.70 -19.78 -7.92
CA LYS A 501 19.93 -19.08 -7.61
C LYS A 501 20.81 -18.91 -8.86
N GLU A 502 20.70 -19.86 -9.79
CA GLU A 502 21.46 -19.79 -11.03
C GLU A 502 21.03 -18.63 -11.92
N ARG A 503 19.79 -18.18 -11.79
CA ARG A 503 19.25 -17.13 -12.66
C ARG A 503 18.95 -15.83 -11.92
N ALA A 504 19.22 -15.78 -10.62
CA ALA A 504 18.92 -14.60 -9.79
C ALA A 504 19.57 -13.33 -10.34
N GLU A 505 20.83 -13.44 -10.73
CA GLU A 505 21.60 -12.29 -11.19
C GLU A 505 21.03 -11.71 -12.48
N ALA A 506 20.70 -12.59 -13.42
CA ALA A 506 20.11 -12.17 -14.70
C ALA A 506 18.71 -11.60 -14.50
N VAL A 507 17.97 -12.19 -13.57
CA VAL A 507 16.63 -11.73 -13.24
C VAL A 507 16.71 -10.31 -12.70
N ALA A 508 17.69 -10.08 -11.83
CA ALA A 508 17.91 -8.77 -11.22
C ALA A 508 18.24 -7.72 -12.28
N ARG A 509 19.14 -8.03 -13.18
CA ARG A 509 19.51 -7.11 -14.26
C ARG A 509 18.30 -6.79 -15.13
N LEU A 510 17.55 -7.83 -15.50
CA LEU A 510 16.38 -7.66 -16.36
C LEU A 510 15.31 -6.83 -15.67
N ALA A 511 15.01 -7.15 -14.42
CA ALA A 511 14.00 -6.42 -13.66
C ALA A 511 14.39 -4.95 -13.47
N LYS A 512 15.66 -4.69 -13.17
CA LYS A 512 16.16 -3.33 -13.01
C LYS A 512 15.92 -2.53 -14.28
N GLU A 513 16.36 -3.09 -15.40
CA GLU A 513 16.23 -2.44 -16.70
C GLU A 513 14.77 -2.10 -17.03
N VAL A 514 13.87 -3.06 -16.84
CA VAL A 514 12.45 -2.83 -17.15
C VAL A 514 11.85 -1.77 -16.24
N MET A 515 12.19 -1.80 -14.96
CA MET A 515 11.65 -0.83 -14.01
C MET A 515 12.17 0.59 -14.28
N GLU A 516 13.46 0.72 -14.55
CA GLU A 516 14.07 2.03 -14.74
C GLU A 516 13.60 2.70 -16.04
N GLY A 517 13.20 1.90 -17.01
CA GLY A 517 12.79 2.43 -18.32
C GLY A 517 11.30 2.39 -18.58
N VAL A 518 10.50 2.19 -17.54
CA VAL A 518 9.06 1.92 -17.74
C VAL A 518 8.39 3.12 -18.39
N TYR A 519 8.88 4.31 -18.08
CA TYR A 519 8.34 5.53 -18.64
C TYR A 519 9.38 6.64 -18.55
N PRO A 520 9.52 7.46 -19.61
CA PRO A 520 10.51 8.55 -19.54
C PRO A 520 10.05 9.73 -18.69
N LEU A 521 10.89 10.18 -17.77
CA LEU A 521 10.62 11.40 -17.01
C LEU A 521 11.73 12.43 -17.24
N ALA A 522 11.51 13.64 -16.73
CA ALA A 522 12.49 14.72 -16.83
C ALA A 522 13.77 14.38 -16.06
N VAL A 523 13.64 13.45 -15.12
CA VAL A 523 14.79 12.92 -14.39
C VAL A 523 14.85 11.41 -14.55
N PRO A 524 16.04 10.83 -14.38
CA PRO A 524 16.14 9.37 -14.47
C PRO A 524 15.40 8.65 -13.35
N LEU A 525 14.82 7.49 -13.65
CA LEU A 525 14.32 6.60 -12.61
C LEU A 525 15.46 5.69 -12.20
N GLU A 526 15.65 5.56 -10.90
CA GLU A 526 16.75 4.79 -10.35
C GLU A 526 16.20 3.65 -9.52
N VAL A 527 16.74 2.45 -9.73
CA VAL A 527 16.30 1.27 -9.01
C VAL A 527 17.47 0.63 -8.26
N GLU A 528 17.27 0.50 -6.95
CA GLU A 528 18.21 -0.20 -6.09
C GLU A 528 17.83 -1.66 -6.08
N VAL A 529 18.80 -2.56 -6.26
CA VAL A 529 18.51 -3.98 -6.30
C VAL A 529 19.46 -4.75 -5.42
N GLY A 530 18.94 -5.78 -4.77
CA GLY A 530 19.72 -6.66 -3.93
C GLY A 530 19.19 -8.06 -4.03
N ILE A 531 20.02 -9.02 -3.66
CA ILE A 531 19.71 -10.44 -3.79
C ILE A 531 20.06 -11.10 -2.47
N GLY A 532 19.20 -12.00 -2.00
CA GLY A 532 19.43 -12.66 -0.73
C GLY A 532 18.49 -13.81 -0.46
N GLU A 533 18.88 -14.66 0.49
CA GLU A 533 18.07 -15.80 0.88
C GLU A 533 16.85 -15.36 1.68
N ASP A 534 16.95 -14.18 2.29
CA ASP A 534 15.82 -13.57 2.98
C ASP A 534 15.67 -12.11 2.57
N TRP A 535 14.48 -11.58 2.79
CA TRP A 535 14.11 -10.26 2.32
C TRP A 535 15.02 -9.20 2.93
N LEU A 536 15.38 -9.36 4.20
CA LEU A 536 16.28 -8.39 4.85
C LEU A 536 17.65 -8.38 4.18
N SER A 537 18.18 -9.56 3.88
CA SER A 537 19.48 -9.67 3.23
C SER A 537 19.44 -9.07 1.83
N ALA A 538 18.29 -9.21 1.17
CA ALA A 538 18.14 -8.77 -0.20
C ALA A 538 17.93 -7.26 -0.30
N LYS A 539 17.66 -6.61 0.83
CA LYS A 539 17.52 -5.16 0.85
C LYS A 539 18.91 -4.53 0.97
N GLU A 540 19.80 -5.26 1.63
CA GLU A 540 21.19 -4.84 1.81
C GLU A 540 21.84 -4.47 0.49
#